data_5NR1
#
_entry.id   5NR1
#
_cell.length_a   124.326
_cell.length_b   124.326
_cell.length_c   124.326
_cell.angle_alpha   90.00
_cell.angle_beta   90.00
_cell.angle_gamma   90.00
#
_symmetry.space_group_name_H-M   'I 21 3'
#
loop_
_entity.id
_entity.type
_entity.pdbx_description
1 polymer 'FtsZ-binding protein FzlA'
2 water water
#
_entity_poly.entity_id   1
_entity_poly.type   'polypeptide(L)'
_entity_poly.pdbx_seq_one_letter_code
;MSVERTLHHFPLDPASRQVRLALGEKRLPFVEMQVRYWEMPPEFTSLNPSGMPPVLVETKHQRNLVICETRAILEHIEET
ETEPPLLGRDPAERAEARRLLQWFDRKFDNEVNGFLLHEKMEKRLLRMGAPDLAALRQGREALRMHLGYIESLLQTRDWL
AGRRMSLADFAAAAHLSVIDYFGDVPWKDFQAAKTWYMKLKSRPCFRPILADRWPGLAPAAHYDDLDF
;
_entity_poly.pdbx_strand_id   A
#
# COMPACT_ATOMS: atom_id res chain seq x y z
N VAL A 3 -9.23 -21.32 7.39
CA VAL A 3 -8.22 -21.18 6.34
C VAL A 3 -6.88 -20.69 6.91
N GLU A 4 -5.79 -21.40 6.63
CA GLU A 4 -4.46 -20.88 6.92
C GLU A 4 -4.04 -19.91 5.82
N ARG A 5 -3.43 -18.80 6.22
CA ARG A 5 -2.95 -17.79 5.27
C ARG A 5 -1.49 -17.49 5.48
N THR A 6 -0.73 -17.59 4.39
CA THR A 6 0.65 -17.15 4.36
C THR A 6 0.81 -16.04 3.32
N LEU A 7 1.35 -14.89 3.72
CA LEU A 7 1.55 -13.75 2.80
C LEU A 7 3.04 -13.61 2.50
N HIS A 8 3.38 -13.84 1.24
CA HIS A 8 4.71 -13.61 0.73
C HIS A 8 4.76 -12.16 0.21
N HIS A 9 5.56 -11.32 0.84
CA HIS A 9 5.52 -9.89 0.56
C HIS A 9 6.87 -9.21 0.82
N PHE A 10 6.99 -7.97 0.38
CA PHE A 10 8.14 -7.17 0.74
C PHE A 10 7.58 -6.00 1.55
N PRO A 11 8.14 -5.75 2.74
CA PRO A 11 7.56 -4.80 3.68
C PRO A 11 7.32 -3.44 3.08
N LEU A 12 8.27 -2.92 2.33
CA LEU A 12 8.15 -1.55 1.83
C LEU A 12 7.55 -1.51 0.43
N ASP A 13 6.66 -2.44 0.13
CA ASP A 13 5.95 -2.46 -1.14
C ASP A 13 4.50 -2.01 -0.90
N PRO A 14 4.06 -0.97 -1.61
CA PRO A 14 2.68 -0.51 -1.44
C PRO A 14 1.63 -1.59 -1.74
N ALA A 15 1.82 -2.43 -2.76
CA ALA A 15 0.86 -3.46 -3.10
C ALA A 15 0.71 -4.43 -1.92
N SER A 16 1.84 -4.85 -1.39
CA SER A 16 1.90 -5.76 -0.26
C SER A 16 1.20 -5.16 0.93
N ARG A 17 1.46 -3.88 1.20
CA ARG A 17 0.84 -3.20 2.32
C ARG A 17 -0.69 -3.13 2.21
N GLN A 18 -1.23 -2.98 1.00
CA GLN A 18 -2.66 -2.96 0.83
C GLN A 18 -3.29 -4.27 1.31
N VAL A 19 -2.64 -5.38 1.02
CA VAL A 19 -3.11 -6.70 1.44
C VAL A 19 -2.99 -6.85 2.96
N ARG A 20 -1.88 -6.37 3.52
CA ARG A 20 -1.71 -6.45 4.96
C ARG A 20 -2.79 -5.61 5.69
N LEU A 21 -3.09 -4.41 5.18
CA LEU A 21 -4.18 -3.60 5.73
C LEU A 21 -5.55 -4.27 5.62
N ALA A 22 -5.88 -4.85 4.47
CA ALA A 22 -7.18 -5.50 4.29
C ALA A 22 -7.32 -6.69 5.24
N LEU A 23 -6.28 -7.50 5.36
CA LEU A 23 -6.35 -8.70 6.20
C LEU A 23 -6.46 -8.32 7.67
N GLY A 24 -5.64 -7.36 8.06
CA GLY A 24 -5.71 -6.82 9.41
C GLY A 24 -7.07 -6.24 9.74
N GLU A 25 -7.61 -5.42 8.85
CA GLU A 25 -8.87 -4.76 9.12
C GLU A 25 -9.98 -5.82 9.24
N LYS A 26 -9.87 -6.89 8.46
CA LYS A 26 -10.84 -7.99 8.55
C LYS A 26 -10.52 -9.01 9.68
N ARG A 27 -9.47 -8.73 10.44
CA ARG A 27 -9.03 -9.62 11.52
C ARG A 27 -8.78 -11.04 11.04
N LEU A 28 -8.15 -11.17 9.88
CA LEU A 28 -7.79 -12.47 9.35
C LEU A 28 -6.32 -12.70 9.63
N PRO A 29 -5.99 -13.65 10.52
CA PRO A 29 -4.60 -13.93 10.84
C PRO A 29 -3.84 -14.42 9.62
N PHE A 30 -2.56 -14.09 9.58
CA PHE A 30 -1.71 -14.62 8.52
C PHE A 30 -0.30 -14.70 9.02
N VAL A 31 0.45 -15.63 8.46
CA VAL A 31 1.90 -15.69 8.69
C VAL A 31 2.57 -15.00 7.50
N GLU A 32 3.73 -14.43 7.74
CA GLU A 32 4.38 -13.72 6.67
C GLU A 32 5.72 -14.27 6.31
N MET A 33 6.02 -14.20 5.03
CA MET A 33 7.31 -14.60 4.49
C MET A 33 7.80 -13.43 3.66
N GLN A 34 8.91 -12.83 4.07
CA GLN A 34 9.46 -11.68 3.40
C GLN A 34 10.25 -12.13 2.18
N VAL A 35 10.09 -11.45 1.06
CA VAL A 35 10.81 -11.81 -0.16
C VAL A 35 11.60 -10.65 -0.76
N ARG A 36 12.88 -10.90 -1.01
CA ARG A 36 13.78 -9.96 -1.66
C ARG A 36 13.66 -10.18 -3.14
N TYR A 37 12.48 -9.85 -3.63
CA TYR A 37 12.05 -10.26 -4.97
C TYR A 37 12.93 -9.70 -6.08
N TRP A 38 13.47 -8.48 -5.90
CA TRP A 38 14.44 -7.94 -6.85
C TRP A 38 15.60 -8.88 -7.12
N GLU A 39 15.88 -9.79 -6.19
CA GLU A 39 16.93 -10.80 -6.38
C GLU A 39 16.43 -12.00 -7.17
N MET A 40 15.17 -11.95 -7.57
CA MET A 40 14.52 -13.02 -8.33
C MET A 40 14.88 -14.39 -7.78
N PRO A 41 14.51 -14.65 -6.52
CA PRO A 41 14.75 -15.99 -6.00
C PRO A 41 13.86 -17.00 -6.73
N PRO A 42 14.46 -17.93 -7.48
CA PRO A 42 13.76 -18.93 -8.30
C PRO A 42 12.46 -19.40 -7.67
N GLU A 43 12.53 -19.82 -6.41
CA GLU A 43 11.40 -20.38 -5.69
C GLU A 43 10.17 -19.44 -5.60
N PHE A 44 10.39 -18.13 -5.67
CA PHE A 44 9.26 -17.20 -5.60
C PHE A 44 8.63 -17.09 -6.98
N THR A 45 9.46 -17.14 -8.01
CA THR A 45 8.95 -17.09 -9.37
C THR A 45 8.14 -18.33 -9.68
N SER A 46 8.37 -19.41 -8.95
CA SER A 46 7.55 -20.60 -9.11
C SER A 46 6.17 -20.37 -8.44
N LEU A 47 6.10 -19.47 -7.47
CA LEU A 47 4.81 -19.14 -6.88
C LEU A 47 4.06 -18.16 -7.78
N ASN A 48 4.79 -17.18 -8.30
CA ASN A 48 4.19 -16.14 -9.14
C ASN A 48 5.11 -15.83 -10.28
N PRO A 49 4.69 -16.18 -11.50
CA PRO A 49 5.53 -16.02 -12.70
C PRO A 49 5.94 -14.60 -13.01
N SER A 50 5.27 -13.58 -12.45
CA SER A 50 5.68 -12.20 -12.64
C SER A 50 6.87 -11.83 -11.77
N GLY A 51 7.18 -12.68 -10.79
CA GLY A 51 8.24 -12.39 -9.85
C GLY A 51 7.89 -11.32 -8.80
N MET A 52 6.66 -10.84 -8.79
CA MET A 52 6.28 -9.72 -7.91
C MET A 52 5.37 -10.12 -6.74
N PRO A 53 5.66 -9.57 -5.54
CA PRO A 53 4.73 -9.69 -4.41
C PRO A 53 3.59 -8.70 -4.62
N PRO A 54 2.51 -8.84 -3.86
CA PRO A 54 2.34 -9.86 -2.84
C PRO A 54 1.72 -11.14 -3.42
N VAL A 55 1.94 -12.26 -2.72
CA VAL A 55 1.27 -13.50 -3.02
C VAL A 55 0.66 -14.06 -1.73
N LEU A 56 -0.64 -14.32 -1.77
CA LEU A 56 -1.32 -14.84 -0.61
C LEU A 56 -1.63 -16.32 -0.86
N VAL A 57 -1.08 -17.20 -0.03
CA VAL A 57 -1.40 -18.63 -0.14
C VAL A 57 -2.44 -18.98 0.93
N GLU A 58 -3.59 -19.48 0.48
CA GLU A 58 -4.67 -19.90 1.38
C GLU A 58 -4.69 -21.39 1.33
N THR A 59 -4.58 -22.00 2.49
CA THR A 59 -4.56 -23.45 2.58
C THR A 59 -5.78 -23.94 3.35
N LYS A 60 -6.45 -24.94 2.81
CA LYS A 60 -7.56 -25.56 3.51
C LYS A 60 -7.52 -27.06 3.19
N HIS A 61 -7.52 -27.88 4.23
CA HIS A 61 -7.35 -29.32 4.07
C HIS A 61 -6.25 -29.70 3.13
N GLN A 62 -5.10 -29.04 3.32
CA GLN A 62 -3.88 -29.34 2.57
C GLN A 62 -4.03 -29.09 1.06
N ARG A 63 -5.08 -28.36 0.69
CA ARG A 63 -5.20 -27.85 -0.69
C ARG A 63 -4.87 -26.35 -0.71
N ASN A 64 -3.99 -25.96 -1.64
CA ASN A 64 -3.50 -24.59 -1.72
C ASN A 64 -4.19 -23.76 -2.78
N LEU A 65 -4.57 -22.54 -2.42
CA LEU A 65 -4.99 -21.53 -3.39
C LEU A 65 -3.94 -20.42 -3.35
N VAL A 66 -3.21 -20.25 -4.48
CA VAL A 66 -2.14 -19.29 -4.59
C VAL A 66 -2.65 -18.04 -5.30
N ILE A 67 -2.90 -16.97 -4.56
CA ILE A 67 -3.53 -15.79 -5.11
C ILE A 67 -2.48 -14.70 -5.28
N CYS A 68 -2.30 -14.27 -6.52
CA CYS A 68 -1.15 -13.43 -6.86
C CYS A 68 -1.57 -11.99 -7.16
N GLU A 69 -0.98 -11.06 -6.42
CA GLU A 69 -1.07 -9.61 -6.64
C GLU A 69 -2.45 -9.02 -6.36
N THR A 70 -2.56 -7.71 -6.25
CA THR A 70 -3.67 -7.10 -5.52
C THR A 70 -4.99 -7.20 -6.19
N ARG A 71 -5.01 -7.20 -7.51
CA ARG A 71 -6.28 -7.24 -8.21
C ARG A 71 -7.01 -8.52 -7.84
N ALA A 72 -6.29 -9.65 -7.85
CA ALA A 72 -6.87 -10.92 -7.46
C ALA A 72 -7.05 -11.00 -5.94
N ILE A 73 -6.06 -10.55 -5.18
CA ILE A 73 -6.12 -10.73 -3.72
C ILE A 73 -7.23 -9.93 -3.09
N LEU A 74 -7.34 -8.65 -3.43
CA LEU A 74 -8.30 -7.79 -2.73
C LEU A 74 -9.73 -8.18 -3.07
N GLU A 75 -10.00 -8.51 -4.33
CA GLU A 75 -11.34 -8.94 -4.70
C GLU A 75 -11.69 -10.30 -4.04
N HIS A 76 -10.72 -11.19 -3.92
CA HIS A 76 -10.93 -12.46 -3.26
C HIS A 76 -11.28 -12.26 -1.79
N ILE A 77 -10.52 -11.42 -1.11
CA ILE A 77 -10.79 -11.18 0.29
C ILE A 77 -12.17 -10.60 0.48
N GLU A 78 -12.53 -9.60 -0.32
CA GLU A 78 -13.81 -8.93 -0.13
C GLU A 78 -14.98 -9.87 -0.47
N GLU A 79 -14.77 -10.78 -1.43
CA GLU A 79 -15.81 -11.77 -1.82
C GLU A 79 -16.02 -12.88 -0.82
N THR A 80 -14.97 -13.24 -0.09
CA THR A 80 -15.03 -14.43 0.74
C THR A 80 -15.10 -14.09 2.22
N GLU A 81 -14.67 -12.90 2.60
CA GLU A 81 -14.75 -12.47 3.99
C GLU A 81 -15.42 -11.11 4.12
N THR A 82 -16.70 -11.12 4.42
CA THR A 82 -17.50 -9.89 4.45
C THR A 82 -17.35 -9.00 5.68
N GLU A 83 -16.63 -9.45 6.71
CA GLU A 83 -16.62 -8.82 8.05
C GLU A 83 -15.42 -7.95 8.40
N PRO A 84 -15.52 -6.62 8.32
CA PRO A 84 -16.51 -5.73 7.73
C PRO A 84 -16.16 -5.55 6.27
N PRO A 85 -17.07 -4.95 5.49
CA PRO A 85 -16.89 -4.72 4.06
C PRO A 85 -15.95 -3.55 3.76
N LEU A 86 -15.08 -3.76 2.80
CA LEU A 86 -14.15 -2.73 2.38
C LEU A 86 -14.53 -2.24 1.00
N LEU A 87 -15.66 -2.72 0.49
CA LEU A 87 -16.32 -2.11 -0.63
C LEU A 87 -17.77 -1.82 -0.22
N GLY A 88 -18.28 -0.67 -0.62
CA GLY A 88 -19.63 -0.26 -0.23
C GLY A 88 -20.69 -1.07 -0.94
N ARG A 89 -21.94 -0.86 -0.57
CA ARG A 89 -23.04 -1.65 -1.15
C ARG A 89 -23.59 -0.98 -2.41
N ASP A 90 -23.53 0.34 -2.46
CA ASP A 90 -24.06 1.08 -3.58
C ASP A 90 -23.06 0.95 -4.74
N PRO A 91 -23.55 0.61 -5.95
CA PRO A 91 -22.65 0.43 -7.11
C PRO A 91 -21.74 1.60 -7.33
N ALA A 92 -22.19 2.82 -7.03
CA ALA A 92 -21.40 4.03 -7.20
C ALA A 92 -20.17 4.05 -6.27
N GLU A 93 -20.34 3.55 -5.05
CA GLU A 93 -19.24 3.55 -4.08
C GLU A 93 -18.27 2.46 -4.47
N ARG A 94 -18.76 1.31 -4.93
CA ARG A 94 -17.89 0.24 -5.39
C ARG A 94 -17.07 0.69 -6.61
N ALA A 95 -17.72 1.36 -7.56
CA ALA A 95 -17.07 1.85 -8.75
C ALA A 95 -16.02 2.89 -8.41
N GLU A 96 -16.31 3.73 -7.43
CA GLU A 96 -15.41 4.83 -7.13
C GLU A 96 -14.18 4.27 -6.39
N ALA A 97 -14.41 3.28 -5.53
CA ALA A 97 -13.28 2.70 -4.82
C ALA A 97 -12.35 1.98 -5.80
N ARG A 98 -12.91 1.24 -6.75
CA ARG A 98 -12.11 0.49 -7.70
C ARG A 98 -11.35 1.42 -8.65
N ARG A 99 -11.99 2.52 -9.02
CA ARG A 99 -11.35 3.54 -9.82
C ARG A 99 -10.11 4.08 -9.11
N LEU A 100 -10.24 4.26 -7.82
CA LEU A 100 -9.15 4.78 -6.99
C LEU A 100 -8.07 3.73 -6.75
N LEU A 101 -8.44 2.45 -6.63
CA LEU A 101 -7.44 1.39 -6.68
C LEU A 101 -6.56 1.48 -7.92
N GLN A 102 -7.19 1.65 -9.08
CA GLN A 102 -6.45 1.77 -10.33
C GLN A 102 -5.65 3.08 -10.39
N TRP A 103 -6.23 4.14 -9.86
CA TRP A 103 -5.56 5.42 -9.81
C TRP A 103 -4.21 5.27 -9.10
N PHE A 104 -4.22 4.64 -7.93
CA PHE A 104 -3.00 4.51 -7.15
C PHE A 104 -2.06 3.46 -7.72
N ASP A 105 -2.60 2.32 -8.11
CA ASP A 105 -1.75 1.26 -8.58
C ASP A 105 -1.07 1.59 -9.93
N ARG A 106 -1.69 2.44 -10.72
CA ARG A 106 -1.11 2.78 -12.03
C ARG A 106 -0.64 4.22 -12.14
N LYS A 107 -1.54 5.17 -11.96
CA LYS A 107 -1.16 6.56 -12.17
C LYS A 107 -0.20 7.09 -11.11
N PHE A 108 -0.53 6.92 -9.83
CA PHE A 108 0.34 7.33 -8.75
C PHE A 108 1.65 6.53 -8.81
N ASP A 109 1.54 5.23 -9.02
CA ASP A 109 2.73 4.38 -9.07
C ASP A 109 3.69 4.86 -10.17
N ASN A 110 3.15 5.17 -11.35
CA ASN A 110 3.97 5.67 -12.44
C ASN A 110 4.53 7.09 -12.21
N GLU A 111 3.70 8.02 -11.75
CA GLU A 111 4.06 9.44 -11.75
C GLU A 111 4.85 9.85 -10.50
N VAL A 112 4.68 9.10 -9.43
CA VAL A 112 5.33 9.40 -8.15
C VAL A 112 6.31 8.31 -7.79
N ASN A 113 5.84 7.07 -7.64
CA ASN A 113 6.73 6.01 -7.16
C ASN A 113 7.87 5.76 -8.13
N GLY A 114 7.60 5.85 -9.43
CA GLY A 114 8.63 5.59 -10.43
C GLY A 114 9.77 6.58 -10.36
N PHE A 115 9.59 7.65 -9.58
CA PHE A 115 10.63 8.63 -9.37
C PHE A 115 11.15 8.57 -7.91
N LEU A 116 10.28 8.80 -6.94
CA LEU A 116 10.68 8.87 -5.53
C LEU A 116 11.11 7.54 -4.96
N LEU A 117 10.38 6.45 -5.23
CA LEU A 117 10.81 5.18 -4.70
C LEU A 117 11.95 4.62 -5.51
N HIS A 118 11.96 4.88 -6.82
CA HIS A 118 13.02 4.32 -7.67
C HIS A 118 14.38 4.91 -7.33
N GLU A 119 14.42 6.23 -7.22
CA GLU A 119 15.68 6.94 -7.05
C GLU A 119 16.28 6.72 -5.66
N LYS A 120 15.44 6.42 -4.68
CA LYS A 120 15.92 6.32 -3.30
C LYS A 120 16.00 4.86 -2.89
N MET A 121 14.86 4.25 -2.59
CA MET A 121 14.87 2.86 -2.15
C MET A 121 15.45 1.85 -3.16
N GLU A 122 14.97 1.85 -4.39
CA GLU A 122 15.35 0.79 -5.35
C GLU A 122 16.81 0.88 -5.77
N LYS A 123 17.25 2.08 -6.10
CA LYS A 123 18.66 2.33 -6.39
C LYS A 123 19.55 1.90 -5.22
N ARG A 124 19.14 2.19 -3.99
CA ARG A 124 19.93 1.77 -2.86
C ARG A 124 20.05 0.24 -2.80
N LEU A 125 18.92 -0.44 -2.97
CA LEU A 125 18.86 -1.87 -2.79
C LEU A 125 19.64 -2.55 -3.92
N LEU A 126 19.65 -1.96 -5.10
CA LEU A 126 20.39 -2.51 -6.24
C LEU A 126 21.80 -1.94 -6.35
N ARG A 127 22.20 -1.14 -5.36
CA ARG A 127 23.53 -0.52 -5.32
C ARG A 127 23.84 0.21 -6.62
N MET A 128 22.86 0.95 -7.13
CA MET A 128 22.99 1.69 -8.36
C MET A 128 23.33 3.17 -8.14
N GLY A 129 23.66 3.54 -6.92
CA GLY A 129 24.16 4.88 -6.67
C GLY A 129 23.13 5.89 -6.20
N ALA A 130 23.51 7.15 -6.33
CA ALA A 130 22.77 8.26 -5.74
C ALA A 130 21.55 8.61 -6.57
N PRO A 131 20.55 9.25 -5.94
CA PRO A 131 19.36 9.70 -6.65
C PRO A 131 19.66 10.75 -7.66
N ASP A 132 18.93 10.70 -8.77
CA ASP A 132 18.97 11.76 -9.77
C ASP A 132 18.11 12.87 -9.24
N LEU A 133 18.71 14.03 -8.96
CA LEU A 133 17.99 15.11 -8.27
C LEU A 133 16.82 15.65 -9.11
N ALA A 134 16.94 15.61 -10.43
CA ALA A 134 15.85 16.11 -11.26
C ALA A 134 14.69 15.12 -11.21
N ALA A 135 15.01 13.85 -11.18
CA ALA A 135 13.98 12.82 -11.09
C ALA A 135 13.22 13.01 -9.77
N LEU A 136 13.96 13.27 -8.69
CA LEU A 136 13.36 13.52 -7.39
C LEU A 136 12.46 14.73 -7.38
N ARG A 137 12.92 15.82 -7.99
CA ARG A 137 12.09 17.02 -8.07
C ARG A 137 10.82 16.75 -8.86
N GLN A 138 10.92 15.92 -9.89
CA GLN A 138 9.73 15.61 -10.69
C GLN A 138 8.73 14.79 -9.88
N GLY A 139 9.23 13.80 -9.15
CA GLY A 139 8.42 12.99 -8.27
C GLY A 139 7.74 13.79 -7.17
N ARG A 140 8.46 14.74 -6.57
CA ARG A 140 7.90 15.59 -5.53
C ARG A 140 6.78 16.46 -6.04
N GLU A 141 6.90 16.96 -7.27
CA GLU A 141 5.84 17.81 -7.84
C GLU A 141 4.61 16.98 -8.19
N ALA A 142 4.83 15.81 -8.76
CA ALA A 142 3.76 14.87 -9.04
C ALA A 142 3.05 14.50 -7.73
N LEU A 143 3.81 14.25 -6.69
CA LEU A 143 3.25 13.89 -5.39
C LEU A 143 2.33 15.01 -4.87
N ARG A 144 2.78 16.25 -4.99
CA ARG A 144 1.99 17.40 -4.60
C ARG A 144 0.70 17.50 -5.40
N MET A 145 0.74 17.14 -6.69
CA MET A 145 -0.48 17.14 -7.50
C MET A 145 -1.43 16.04 -7.06
N HIS A 146 -0.90 14.86 -6.73
CA HIS A 146 -1.76 13.76 -6.23
C HIS A 146 -2.35 14.09 -4.85
N LEU A 147 -1.56 14.69 -3.99
CA LEU A 147 -2.04 15.09 -2.67
C LEU A 147 -3.17 16.13 -2.80
N GLY A 148 -3.00 17.07 -3.72
CA GLY A 148 -4.02 18.08 -3.97
C GLY A 148 -5.32 17.43 -4.43
N TYR A 149 -5.21 16.43 -5.28
CA TYR A 149 -6.38 15.71 -5.74
C TYR A 149 -7.10 15.01 -4.56
N ILE A 150 -6.37 14.29 -3.75
CA ILE A 150 -7.05 13.61 -2.68
C ILE A 150 -7.59 14.61 -1.65
N GLU A 151 -6.89 15.71 -1.44
CA GLU A 151 -7.37 16.78 -0.56
C GLU A 151 -8.72 17.28 -1.04
N SER A 152 -8.85 17.52 -2.33
CA SER A 152 -10.13 18.01 -2.83
C SER A 152 -11.23 17.00 -2.61
N LEU A 153 -10.91 15.70 -2.67
CA LEU A 153 -11.90 14.69 -2.41
C LEU A 153 -12.29 14.67 -0.97
N LEU A 154 -11.28 14.74 -0.10
CA LEU A 154 -11.52 14.57 1.31
C LEU A 154 -12.17 15.79 1.97
N GLN A 155 -12.20 16.92 1.28
CA GLN A 155 -12.96 18.09 1.77
C GLN A 155 -14.45 17.96 1.41
N THR A 156 -14.80 16.97 0.60
CA THR A 156 -16.17 16.82 0.11
C THR A 156 -16.80 15.47 0.48
N ARG A 157 -16.00 14.60 1.11
CA ARG A 157 -16.39 13.24 1.43
C ARG A 157 -15.67 12.88 2.67
N ASP A 158 -16.25 11.99 3.48
CA ASP A 158 -15.59 11.55 4.69
C ASP A 158 -14.35 10.74 4.33
N TRP A 159 -14.55 9.74 3.47
CA TRP A 159 -13.47 8.85 3.02
C TRP A 159 -13.33 8.97 1.51
N LEU A 160 -12.25 8.42 0.96
CA LEU A 160 -11.89 8.74 -0.40
C LEU A 160 -12.99 8.40 -1.39
N ALA A 161 -13.68 7.29 -1.15
CA ALA A 161 -14.72 6.83 -2.06
C ALA A 161 -16.12 7.20 -1.61
N GLY A 162 -16.26 7.97 -0.53
CA GLY A 162 -17.58 8.37 -0.08
C GLY A 162 -17.71 8.27 1.42
N ARG A 163 -18.85 7.77 1.88
CA ARG A 163 -19.15 7.84 3.30
C ARG A 163 -18.53 6.71 4.10
N ARG A 164 -18.17 5.64 3.42
CA ARG A 164 -17.63 4.46 4.07
C ARG A 164 -16.14 4.25 3.75
N MET A 165 -15.36 3.98 4.78
CA MET A 165 -13.97 3.63 4.62
C MET A 165 -13.87 2.39 3.71
N SER A 166 -12.93 2.39 2.77
CA SER A 166 -12.86 1.32 1.77
C SER A 166 -11.44 0.97 1.34
N LEU A 167 -11.34 -0.03 0.48
CA LEU A 167 -10.05 -0.36 -0.14
C LEU A 167 -9.38 0.87 -0.77
N ALA A 168 -10.14 1.87 -1.20
CA ALA A 168 -9.52 3.06 -1.79
C ALA A 168 -8.64 3.81 -0.78
N ASP A 169 -9.15 3.96 0.45
CA ASP A 169 -8.37 4.54 1.53
C ASP A 169 -7.11 3.76 1.82
N PHE A 170 -7.22 2.44 1.86
CA PHE A 170 -6.07 1.60 2.10
C PHE A 170 -5.07 1.66 0.93
N ALA A 171 -5.56 1.82 -0.28
CA ALA A 171 -4.65 1.91 -1.42
C ALA A 171 -3.85 3.22 -1.31
N ALA A 172 -4.55 4.32 -1.13
CA ALA A 172 -3.89 5.61 -1.03
C ALA A 172 -2.95 5.64 0.18
N ALA A 173 -3.41 5.12 1.32
CA ALA A 173 -2.60 5.09 2.52
C ALA A 173 -1.41 4.15 2.41
N ALA A 174 -1.58 3.01 1.75
CA ALA A 174 -0.44 2.10 1.56
C ALA A 174 0.70 2.79 0.78
N HIS A 175 0.32 3.43 -0.32
CA HIS A 175 1.26 4.12 -1.17
C HIS A 175 1.92 5.27 -0.41
N LEU A 176 1.11 6.09 0.24
CA LEU A 176 1.66 7.22 0.99
C LEU A 176 2.50 6.81 2.17
N SER A 177 2.19 5.68 2.80
CA SER A 177 2.95 5.21 3.95
C SER A 177 4.39 4.87 3.57
N VAL A 178 4.62 4.39 2.35
CA VAL A 178 5.99 4.06 1.95
C VAL A 178 6.78 5.36 1.65
N ILE A 179 6.12 6.28 0.99
CA ILE A 179 6.70 7.59 0.75
C ILE A 179 6.98 8.27 2.08
N ASP A 180 6.08 8.08 3.05
CA ASP A 180 6.24 8.68 4.38
C ASP A 180 7.43 8.08 5.14
N TYR A 181 7.63 6.77 4.98
CA TYR A 181 8.79 6.10 5.57
C TYR A 181 10.08 6.79 5.12
N PHE A 182 10.11 7.27 3.90
CA PHE A 182 11.28 7.97 3.38
C PHE A 182 11.19 9.50 3.54
N GLY A 183 10.26 9.96 4.39
CA GLY A 183 10.15 11.36 4.77
C GLY A 183 9.72 12.33 3.69
N ASP A 184 9.07 11.83 2.64
CA ASP A 184 8.76 12.67 1.49
C ASP A 184 7.33 13.20 1.36
N VAL A 185 6.46 12.97 2.33
CA VAL A 185 5.10 13.49 2.23
C VAL A 185 4.92 14.82 2.99
N PRO A 186 4.57 15.90 2.26
CA PRO A 186 4.37 17.20 2.93
C PRO A 186 2.95 17.32 3.53
N TRP A 187 2.68 16.52 4.55
CA TRP A 187 1.36 16.47 5.17
C TRP A 187 0.86 17.85 5.56
N LYS A 188 1.78 18.73 5.95
CA LYS A 188 1.43 20.03 6.53
C LYS A 188 0.64 20.89 5.54
N ASP A 189 0.77 20.58 4.25
CA ASP A 189 0.13 21.40 3.25
C ASP A 189 -1.26 20.94 2.80
N PHE A 190 -1.71 19.82 3.33
CA PHE A 190 -2.97 19.19 2.89
C PHE A 190 -3.74 18.74 4.11
N GLN A 191 -4.56 19.64 4.65
CA GLN A 191 -5.09 19.44 6.00
C GLN A 191 -6.04 18.26 6.10
N ALA A 192 -6.93 18.12 5.14
CA ALA A 192 -7.89 17.01 5.16
C ALA A 192 -7.16 15.68 4.97
N ALA A 193 -6.13 15.70 4.14
CA ALA A 193 -5.35 14.47 3.92
C ALA A 193 -4.55 14.11 5.15
N LYS A 194 -3.97 15.11 5.83
CA LYS A 194 -3.24 14.85 7.08
C LYS A 194 -4.14 14.22 8.13
N THR A 195 -5.33 14.78 8.27
CA THR A 195 -6.34 14.31 9.24
C THR A 195 -6.80 12.89 8.96
N TRP A 196 -7.08 12.63 7.70
CA TRP A 196 -7.43 11.28 7.22
C TRP A 196 -6.32 10.27 7.49
N TYR A 197 -5.07 10.63 7.18
CA TYR A 197 -3.98 9.68 7.40
C TYR A 197 -3.73 9.41 8.86
N MET A 198 -3.81 10.45 9.68
CA MET A 198 -3.69 10.31 11.11
C MET A 198 -4.72 9.32 11.67
N LYS A 199 -5.95 9.41 11.19
CA LYS A 199 -6.98 8.46 11.57
C LYS A 199 -6.68 7.03 11.10
N LEU A 200 -6.28 6.86 9.85
CA LEU A 200 -5.93 5.52 9.37
C LEU A 200 -4.76 4.90 10.12
N LYS A 201 -3.73 5.71 10.33
CA LYS A 201 -2.48 5.30 10.96
C LYS A 201 -2.68 4.81 12.39
N SER A 202 -3.75 5.27 13.02
CA SER A 202 -4.09 4.82 14.39
C SER A 202 -4.90 3.53 14.46
N ARG A 203 -5.34 3.01 13.32
CA ARG A 203 -6.10 1.77 13.37
C ARG A 203 -5.19 0.59 13.61
N PRO A 204 -5.71 -0.43 14.31
CA PRO A 204 -5.00 -1.68 14.56
C PRO A 204 -4.34 -2.27 13.30
N CYS A 205 -5.04 -2.26 12.18
CA CYS A 205 -4.49 -2.87 10.95
C CYS A 205 -3.16 -2.22 10.53
N PHE A 206 -3.00 -0.95 10.90
CA PHE A 206 -1.81 -0.19 10.50
C PHE A 206 -0.62 -0.49 11.39
N ARG A 207 -0.85 -1.09 12.55
CA ARG A 207 0.23 -1.11 13.54
C ARG A 207 1.48 -1.86 13.07
N PRO A 208 1.30 -3.05 12.47
CA PRO A 208 2.45 -3.81 11.97
C PRO A 208 3.18 -3.04 10.88
N ILE A 209 2.44 -2.30 10.09
CA ILE A 209 3.08 -1.56 9.01
C ILE A 209 3.98 -0.47 9.59
N LEU A 210 3.52 0.18 10.65
CA LEU A 210 4.35 1.17 11.35
C LEU A 210 5.60 0.55 11.99
N ALA A 211 5.56 -0.76 12.24
CA ALA A 211 6.71 -1.44 12.82
C ALA A 211 7.74 -1.88 11.77
N ASP A 212 7.39 -1.81 10.49
CA ASP A 212 8.29 -2.22 9.42
C ASP A 212 9.62 -1.50 9.53
N ARG A 213 10.70 -2.25 9.36
CA ARG A 213 12.04 -1.69 9.29
C ARG A 213 12.75 -2.57 8.31
N TRP A 214 13.62 -2.00 7.50
CA TRP A 214 14.44 -2.80 6.59
C TRP A 214 15.90 -2.38 6.75
N PRO A 215 16.85 -3.34 6.81
CA PRO A 215 18.27 -2.99 6.99
C PRO A 215 18.81 -2.00 5.99
N GLY A 216 19.43 -0.94 6.49
CA GLY A 216 20.02 0.06 5.60
C GLY A 216 19.04 1.15 5.21
N LEU A 217 17.77 0.97 5.60
CA LEU A 217 16.74 1.94 5.23
C LEU A 217 16.04 2.44 6.49
N ALA A 218 16.57 3.51 7.07
CA ALA A 218 16.12 4.01 8.37
C ALA A 218 14.99 5.01 8.12
N PRO A 219 13.80 4.72 8.65
CA PRO A 219 12.63 5.54 8.37
C PRO A 219 12.73 6.93 9.00
N ALA A 220 11.93 7.85 8.49
CA ALA A 220 11.80 9.15 9.11
C ALA A 220 11.33 9.01 10.55
N ALA A 221 11.76 9.94 11.39
CA ALA A 221 11.47 9.88 12.83
C ALA A 221 9.99 9.85 13.15
N HIS A 222 9.18 10.51 12.35
CA HIS A 222 7.75 10.60 12.61
C HIS A 222 6.97 9.42 12.05
N TYR A 223 7.63 8.58 11.25
CA TYR A 223 6.95 7.50 10.52
C TYR A 223 5.98 6.72 11.38
N ASP A 224 6.43 6.27 12.55
CA ASP A 224 5.57 5.50 13.45
C ASP A 224 4.95 6.30 14.60
N ASP A 225 4.96 7.63 14.51
CA ASP A 225 4.30 8.44 15.53
C ASP A 225 2.82 8.62 15.15
N LEU A 226 1.91 8.49 16.12
CA LEU A 226 0.50 8.72 15.83
C LEU A 226 0.24 10.20 15.73
N ASP A 227 1.12 11.01 16.34
CA ASP A 227 1.12 12.47 16.17
C ASP A 227 2.33 12.97 15.36
N PHE A 228 2.09 13.69 14.27
CA PHE A 228 3.16 14.08 13.36
C PHE A 228 2.84 15.41 12.68
#